data_9KR0
#
_entry.id   9KR0
#
_cell.length_a   164.000
_cell.length_b   164.000
_cell.length_c   164.000
_cell.angle_alpha   90.00
_cell.angle_beta   90.00
_cell.angle_gamma   90.00
#
_symmetry.space_group_name_H-M   'I 2 3'
#
loop_
_entity.id
_entity.type
_entity.pdbx_description
1 polymer 'SGNH/GDSL hydrolase family protein'
2 non-polymer GLYCEROL
3 water water
#
_entity_poly.entity_id   1
_entity_poly.type   'polypeptide(L)'
_entity_poly.pdbx_seq_one_letter_code
;MGSSHHHHHHSSGLVPRGSHMYASWTASMSDATQVLPGAAPAASQSFNNQTVRHVLRLSLGGNTLRVKVSNLFGKSPITF
TAVRVAKSTGQSNIDVSTDKSVTFNGQASVTLEAGTELVSDAVNLEVAPLTNIAVSMYFSSPTAMPTVHALGVQTAFIGA
GNQTAATSISAAAADQSQSYYGLTALEVSSIQKTNVVVTFGDSITDGYKSTVDASKRYPNQLDDRLKTAGFSRIGVVNQG
ISGNRWLNDFSGPSGTSRFDRDVLNVTGITHAIILLGVNDLGFSAWLAPTQTVTAEQVIAAMTTAIVKAKAKGIKVFVGT
IIPFKGASMGYYYTDAAEAKRQTINTFIRNSKEIDGVIDFADALKNPADPLTINPIYDSGDALHPNDAGYEAMAAAIDLS
KLQ
;
_entity_poly.pdbx_strand_id   A
#
loop_
_chem_comp.id
_chem_comp.type
_chem_comp.name
_chem_comp.formula
GOL non-polymer GLYCEROL 'C3 H8 O3'
#
# COMPACT_ATOMS: atom_id res chain seq x y z
N GLY A 13 -8.87 -7.56 33.82
CA GLY A 13 -7.89 -7.08 34.78
C GLY A 13 -6.83 -6.20 34.13
N LEU A 14 -5.63 -6.18 34.71
CA LEU A 14 -4.53 -5.44 34.10
C LEU A 14 -4.04 -6.17 32.85
N VAL A 15 -3.98 -5.45 31.74
CA VAL A 15 -3.54 -6.09 30.50
C VAL A 15 -2.08 -6.53 30.66
N PRO A 16 -1.73 -7.78 30.31
CA PRO A 16 -0.33 -8.20 30.48
C PRO A 16 0.62 -7.24 29.76
N ARG A 17 1.72 -6.91 30.43
CA ARG A 17 2.53 -5.75 30.04
C ARG A 17 3.51 -6.01 28.91
N GLY A 18 3.57 -7.22 28.36
CA GLY A 18 4.45 -7.49 27.24
C GLY A 18 4.13 -6.62 26.04
N SER A 19 5.14 -5.90 25.54
N SER A 19 5.14 -5.88 25.55
CA SER A 19 4.97 -5.00 24.38
CA SER A 19 4.94 -5.00 24.38
C SER A 19 5.30 -5.75 23.09
C SER A 19 5.28 -5.75 23.09
N HIS A 20 4.62 -5.36 22.02
CA HIS A 20 4.86 -5.98 20.72
C HIS A 20 4.68 -4.93 19.64
N MET A 21 5.40 -5.12 18.53
CA MET A 21 5.29 -4.22 17.37
C MET A 21 4.16 -4.68 16.44
N TYR A 22 3.46 -3.71 15.86
CA TYR A 22 2.40 -3.97 14.89
C TYR A 22 2.57 -3.04 13.70
N ALA A 23 2.34 -3.54 12.50
CA ALA A 23 2.36 -2.66 11.33
C ALA A 23 1.23 -1.63 11.45
N SER A 24 1.60 -0.35 11.34
CA SER A 24 0.65 0.74 11.48
C SER A 24 0.42 1.46 10.16
N TRP A 25 1.39 1.37 9.25
CA TRP A 25 1.31 1.90 7.91
C TRP A 25 2.25 1.07 7.06
N THR A 26 1.87 0.79 5.82
CA THR A 26 2.73 0.07 4.90
C THR A 26 2.60 0.69 3.51
N ALA A 27 3.63 0.43 2.69
CA ALA A 27 3.58 0.74 1.27
C ALA A 27 4.31 -0.37 0.51
N SER A 28 3.61 -1.02 -0.43
CA SER A 28 4.26 -2.06 -1.22
C SER A 28 5.25 -1.45 -2.19
N MET A 29 6.38 -2.13 -2.38
CA MET A 29 7.44 -1.59 -3.23
C MET A 29 7.37 -2.15 -4.64
N SER A 30 7.79 -1.27 -5.57
N SER A 30 7.79 -1.27 -5.58
CA SER A 30 7.88 -1.65 -6.99
CA SER A 30 7.88 -1.63 -7.00
C SER A 30 9.25 -1.20 -7.52
C SER A 30 9.27 -1.21 -7.51
N ASP A 31 9.65 -1.72 -8.67
CA ASP A 31 10.90 -1.34 -9.32
C ASP A 31 10.56 -0.32 -10.42
N ALA A 32 10.91 0.95 -10.20
CA ALA A 32 10.56 1.99 -11.16
C ALA A 32 11.19 1.76 -12.54
N THR A 33 12.21 0.91 -12.65
CA THR A 33 12.87 0.70 -13.94
C THR A 33 12.26 -0.44 -14.75
N GLN A 34 11.37 -1.23 -14.15
CA GLN A 34 10.75 -2.33 -14.88
C GLN A 34 9.68 -1.81 -15.83
N VAL A 35 9.64 -2.39 -17.03
CA VAL A 35 8.71 -1.95 -18.06
C VAL A 35 8.07 -3.18 -18.69
N LEU A 36 7.01 -2.94 -19.44
CA LEU A 36 6.31 -4.02 -20.13
C LEU A 36 7.19 -4.63 -21.21
N PRO A 37 6.95 -5.89 -21.58
CA PRO A 37 7.68 -6.49 -22.69
C PRO A 37 7.61 -5.59 -23.91
N GLY A 38 8.77 -5.40 -24.54
CA GLY A 38 8.87 -4.56 -25.72
C GLY A 38 8.94 -3.07 -25.47
N ALA A 39 8.85 -2.64 -24.22
CA ALA A 39 8.88 -1.22 -23.92
C ALA A 39 10.31 -0.73 -23.80
N ALA A 40 10.48 0.58 -23.99
CA ALA A 40 11.76 1.22 -23.81
C ALA A 40 12.12 1.24 -22.33
N PRO A 41 13.42 1.18 -21.99
CA PRO A 41 13.82 1.21 -20.59
C PRO A 41 13.35 2.49 -19.90
N ALA A 42 13.14 2.39 -18.59
CA ALA A 42 12.70 3.52 -17.79
C ALA A 42 13.76 3.86 -16.76
N ALA A 43 14.01 5.16 -16.57
CA ALA A 43 15.02 5.61 -15.63
C ALA A 43 14.42 5.72 -14.22
N SER A 44 15.26 5.45 -13.22
CA SER A 44 14.82 5.66 -11.85
C SER A 44 15.04 7.11 -11.43
N GLN A 45 14.28 7.53 -10.44
CA GLN A 45 14.54 8.80 -9.77
C GLN A 45 15.84 8.70 -9.00
N SER A 46 16.53 9.84 -8.90
N SER A 46 16.53 9.84 -8.90
CA SER A 46 17.79 9.87 -8.13
CA SER A 46 17.81 9.89 -8.16
C SER A 46 17.85 11.09 -7.22
C SER A 46 17.83 11.09 -7.21
N PHE A 47 18.50 10.93 -6.07
CA PHE A 47 18.71 12.03 -5.14
C PHE A 47 20.21 12.27 -5.05
N ASN A 48 20.58 13.51 -4.75
CA ASN A 48 22.00 13.84 -4.66
C ASN A 48 22.12 14.99 -3.67
N ASN A 49 22.55 14.69 -2.45
CA ASN A 49 22.60 15.66 -1.38
C ASN A 49 21.24 16.35 -1.20
N GLN A 50 20.24 15.49 -0.98
CA GLN A 50 18.86 16.00 -0.82
C GLN A 50 18.10 15.25 0.27
N THR A 51 17.08 15.90 0.77
CA THR A 51 16.19 15.28 1.76
C THR A 51 14.80 15.07 1.16
N VAL A 52 14.21 13.92 1.45
CA VAL A 52 12.81 13.65 1.07
C VAL A 52 12.01 13.52 2.37
N ARG A 53 10.98 14.36 2.52
CA ARG A 53 10.08 14.28 3.68
C ARG A 53 8.78 13.62 3.23
N HIS A 54 8.57 12.41 3.70
CA HIS A 54 7.32 11.72 3.44
C HIS A 54 6.35 12.00 4.56
N VAL A 55 5.05 11.93 4.24
CA VAL A 55 3.99 12.07 5.23
C VAL A 55 3.12 10.83 5.16
N LEU A 56 2.77 10.27 6.31
CA LEU A 56 1.96 9.06 6.30
C LEU A 56 1.01 9.04 7.49
N ARG A 57 -0.14 8.41 7.29
CA ARG A 57 -1.18 8.30 8.31
C ARG A 57 -1.02 6.99 9.07
N LEU A 58 -0.92 7.08 10.39
CA LEU A 58 -0.82 5.87 11.23
C LEU A 58 -2.20 5.27 11.50
N SER A 59 -2.32 3.97 11.28
CA SER A 59 -3.57 3.31 11.65
C SER A 59 -3.60 2.94 13.14
N LEU A 60 -2.45 2.62 13.71
CA LEU A 60 -2.34 2.17 15.09
C LEU A 60 -1.42 3.09 15.86
N GLY A 61 -1.86 3.51 17.06
CA GLY A 61 -1.00 4.26 17.96
C GLY A 61 -0.18 3.36 18.87
N GLY A 62 0.57 3.98 19.75
CA GLY A 62 1.37 3.25 20.71
C GLY A 62 2.52 4.10 21.23
N ASN A 63 3.45 3.43 21.91
CA ASN A 63 4.45 4.13 22.73
C ASN A 63 5.78 4.33 22.04
N THR A 64 6.16 3.44 21.14
CA THR A 64 7.40 3.55 20.39
C THR A 64 7.11 3.13 18.96
N LEU A 65 8.03 3.47 18.06
CA LEU A 65 7.83 3.11 16.66
C LEU A 65 9.15 2.74 16.01
N ARG A 66 9.05 2.07 14.86
CA ARG A 66 10.25 1.84 14.07
C ARG A 66 9.90 1.93 12.58
N VAL A 67 10.92 2.20 11.78
CA VAL A 67 10.79 2.56 10.38
C VAL A 67 11.46 1.48 9.55
N LYS A 68 10.76 0.95 8.55
CA LYS A 68 11.35 -0.04 7.67
C LYS A 68 11.66 0.62 6.33
N VAL A 69 12.93 0.63 5.96
CA VAL A 69 13.38 1.23 4.71
C VAL A 69 13.78 0.10 3.77
N SER A 70 13.90 0.44 2.48
CA SER A 70 14.02 -0.60 1.47
C SER A 70 14.93 -0.19 0.33
N ASN A 71 15.79 -1.12 -0.09
CA ASN A 71 16.52 -1.05 -1.35
C ASN A 71 16.23 -2.32 -2.15
N LEU A 72 15.00 -2.82 -2.03
CA LEU A 72 14.64 -4.13 -2.57
C LEU A 72 14.92 -4.25 -4.06
N PHE A 73 14.69 -3.18 -4.83
CA PHE A 73 14.90 -3.23 -6.27
C PHE A 73 16.07 -2.37 -6.73
N GLY A 74 16.93 -1.97 -5.80
CA GLY A 74 18.15 -1.30 -6.19
C GLY A 74 19.06 -2.21 -7.00
N LYS A 75 19.91 -1.59 -7.81
CA LYS A 75 20.96 -2.36 -8.53
C LYS A 75 22.35 -2.07 -7.93
N SER A 76 22.32 -1.21 -6.95
N SER A 76 22.33 -1.20 -6.95
CA SER A 76 23.58 -0.89 -6.23
CA SER A 76 23.57 -0.86 -6.24
C SER A 76 23.18 -0.53 -4.80
C SER A 76 23.17 -0.54 -4.79
N PRO A 77 24.09 -0.58 -3.82
CA PRO A 77 23.75 -0.17 -2.45
C PRO A 77 23.31 1.28 -2.39
N ILE A 78 22.50 1.60 -1.38
CA ILE A 78 22.16 2.98 -1.08
C ILE A 78 22.48 3.23 0.39
N THR A 79 22.85 4.47 0.70
CA THR A 79 23.15 4.83 2.08
C THR A 79 22.19 5.93 2.50
N PHE A 80 21.36 5.63 3.50
CA PHE A 80 20.53 6.63 4.16
C PHE A 80 21.43 7.37 5.14
N THR A 81 21.81 8.61 4.80
CA THR A 81 22.74 9.34 5.65
C THR A 81 22.08 9.70 6.98
N ALA A 82 20.80 10.04 6.95
CA ALA A 82 20.03 10.29 8.17
C ALA A 82 18.57 9.99 7.89
N VAL A 83 17.90 9.49 8.93
CA VAL A 83 16.46 9.25 8.89
C VAL A 83 15.90 9.82 10.20
N ARG A 84 14.84 10.62 10.11
CA ARG A 84 14.22 11.19 11.29
C ARG A 84 12.70 11.08 11.18
N VAL A 85 12.01 11.17 12.33
N VAL A 85 12.03 11.15 12.34
CA VAL A 85 10.56 11.10 12.36
CA VAL A 85 10.58 11.12 12.39
C VAL A 85 10.05 12.17 13.31
C VAL A 85 10.11 12.29 13.25
N ALA A 86 8.88 12.73 12.98
CA ALA A 86 8.25 13.79 13.77
C ALA A 86 6.76 13.76 13.47
N LYS A 87 5.98 14.36 14.38
CA LYS A 87 4.57 14.54 14.09
C LYS A 87 4.38 15.61 13.02
N SER A 88 3.49 15.34 12.07
CA SER A 88 3.23 16.28 10.98
C SER A 88 2.19 17.31 11.42
N THR A 89 2.41 18.56 11.02
CA THR A 89 1.43 19.61 11.26
C THR A 89 0.83 20.13 9.95
N GLY A 90 0.89 19.33 8.90
CA GLY A 90 0.32 19.68 7.62
C GLY A 90 1.41 20.07 6.61
N GLN A 91 1.15 19.78 5.34
CA GLN A 91 2.08 20.07 4.24
C GLN A 91 3.43 19.46 4.63
N SER A 92 4.54 20.19 4.48
CA SER A 92 5.85 19.69 4.88
C SER A 92 6.21 20.01 6.33
N ASN A 93 5.28 20.61 7.08
CA ASN A 93 5.61 21.12 8.41
C ASN A 93 5.57 20.03 9.46
N ILE A 94 6.48 20.13 10.43
CA ILE A 94 6.52 19.21 11.57
C ILE A 94 6.47 19.98 12.87
N ASP A 95 6.08 19.27 13.93
CA ASP A 95 6.22 19.72 15.32
C ASP A 95 7.63 19.36 15.75
N VAL A 96 8.53 20.36 15.75
N VAL A 96 8.53 20.36 15.76
CA VAL A 96 9.94 20.08 15.98
CA VAL A 96 9.94 20.10 16.01
C VAL A 96 10.19 19.57 17.40
C VAL A 96 10.17 19.52 17.41
N SER A 97 9.24 19.79 18.32
N SER A 97 9.27 19.78 18.35
CA SER A 97 9.36 19.22 19.65
CA SER A 97 9.42 19.19 19.68
C SER A 97 9.31 17.70 19.63
C SER A 97 9.27 17.68 19.67
N THR A 98 8.71 17.11 18.59
CA THR A 98 8.56 15.67 18.47
C THR A 98 9.59 15.04 17.55
N ASP A 99 10.52 15.82 17.01
CA ASP A 99 11.54 15.30 16.10
C ASP A 99 12.49 14.34 16.83
N LYS A 100 12.72 13.17 16.22
CA LYS A 100 13.55 12.11 16.78
C LYS A 100 14.48 11.55 15.72
N SER A 101 15.69 11.21 16.15
CA SER A 101 16.61 10.48 15.29
C SER A 101 16.16 9.02 15.16
N VAL A 102 16.17 8.50 13.93
CA VAL A 102 15.89 7.09 13.67
C VAL A 102 17.23 6.39 13.47
N THR A 103 17.57 5.45 14.35
CA THR A 103 18.87 4.79 14.25
C THR A 103 18.71 3.32 13.85
N PHE A 104 19.82 2.75 13.40
CA PHE A 104 19.91 1.37 12.92
C PHE A 104 21.09 0.73 13.62
N ASN A 105 20.82 -0.17 14.56
CA ASN A 105 21.85 -0.71 15.45
C ASN A 105 22.66 0.42 16.08
N GLY A 106 21.97 1.49 16.47
CA GLY A 106 22.59 2.62 17.11
C GLY A 106 23.21 3.65 16.19
N GLN A 107 23.27 3.40 14.89
CA GLN A 107 23.93 4.30 13.95
C GLN A 107 22.90 5.17 13.25
N ALA A 108 23.24 6.46 13.05
CA ALA A 108 22.32 7.35 12.37
C ALA A 108 22.31 7.13 10.86
N SER A 109 23.41 6.63 10.31
N SER A 109 23.41 6.64 10.31
CA SER A 109 23.50 6.35 8.86
CA SER A 109 23.51 6.34 8.85
C SER A 109 23.51 4.83 8.64
C SER A 109 23.46 4.82 8.68
N VAL A 110 22.92 4.37 7.55
CA VAL A 110 22.89 2.93 7.31
C VAL A 110 22.93 2.68 5.81
N THR A 111 23.65 1.61 5.43
CA THR A 111 23.74 1.21 4.03
C THR A 111 22.94 -0.08 3.84
N LEU A 112 22.09 -0.10 2.82
CA LEU A 112 21.35 -1.29 2.44
C LEU A 112 21.91 -1.80 1.12
N GLU A 113 22.29 -3.07 1.11
CA GLU A 113 22.72 -3.68 -0.14
C GLU A 113 21.52 -3.76 -1.09
N ALA A 114 21.79 -3.81 -2.38
CA ALA A 114 20.73 -4.04 -3.36
C ALA A 114 19.98 -5.32 -3.01
N GLY A 115 18.64 -5.28 -3.11
CA GLY A 115 17.81 -6.42 -2.81
C GLY A 115 17.46 -6.62 -1.34
N THR A 116 17.81 -5.68 -0.46
CA THR A 116 17.58 -5.88 0.97
C THR A 116 16.66 -4.79 1.51
N GLU A 117 16.09 -5.06 2.68
CA GLU A 117 15.28 -4.10 3.43
C GLU A 117 15.73 -4.17 4.89
N LEU A 118 15.37 -3.16 5.68
CA LEU A 118 15.86 -3.11 7.05
C LEU A 118 14.93 -2.29 7.93
N VAL A 119 14.56 -2.84 9.10
N VAL A 119 14.61 -2.83 9.10
CA VAL A 119 13.76 -2.07 10.05
CA VAL A 119 13.81 -2.12 10.10
C VAL A 119 14.70 -1.45 11.09
C VAL A 119 14.74 -1.44 11.09
N SER A 120 14.38 -0.23 11.48
CA SER A 120 15.19 0.56 12.40
C SER A 120 15.06 0.08 13.85
N ASP A 121 15.91 0.64 14.69
CA ASP A 121 15.73 0.60 16.13
C ASP A 121 14.40 1.25 16.52
N ALA A 122 13.91 0.89 17.71
CA ALA A 122 12.71 1.54 18.23
C ALA A 122 13.00 3.00 18.57
N VAL A 123 12.03 3.86 18.28
CA VAL A 123 12.09 5.30 18.52
C VAL A 123 11.08 5.64 19.61
N ASN A 124 11.52 6.38 20.62
CA ASN A 124 10.63 6.71 21.74
C ASN A 124 9.79 7.93 21.37
N LEU A 125 8.71 7.68 20.64
CA LEU A 125 7.76 8.72 20.26
C LEU A 125 6.36 8.14 20.41
N GLU A 126 5.60 8.70 21.35
CA GLU A 126 4.22 8.26 21.57
C GLU A 126 3.32 8.84 20.48
N VAL A 127 2.53 7.99 19.84
CA VAL A 127 1.71 8.40 18.69
C VAL A 127 0.29 7.87 18.86
N ALA A 128 -0.67 8.58 18.23
CA ALA A 128 -2.08 8.26 18.30
C ALA A 128 -2.60 7.71 16.96
N PRO A 129 -3.64 6.86 16.99
CA PRO A 129 -4.20 6.36 15.73
C PRO A 129 -4.80 7.48 14.88
N LEU A 130 -4.73 7.29 13.57
CA LEU A 130 -5.30 8.20 12.57
C LEU A 130 -4.69 9.59 12.67
N THR A 131 -3.41 9.67 12.99
CA THR A 131 -2.65 10.90 12.93
C THR A 131 -1.50 10.74 11.95
N ASN A 132 -1.00 11.86 11.45
CA ASN A 132 0.03 11.87 10.42
C ASN A 132 1.40 12.12 11.04
N ILE A 133 2.40 11.35 10.60
CA ILE A 133 3.77 11.62 10.97
C ILE A 133 4.56 11.86 9.69
N ALA A 134 5.69 12.52 9.85
CA ALA A 134 6.61 12.77 8.75
C ALA A 134 7.86 11.93 8.95
N VAL A 135 8.27 11.20 7.91
CA VAL A 135 9.50 10.42 7.93
C VAL A 135 10.40 11.05 6.89
N SER A 136 11.54 11.56 7.34
CA SER A 136 12.43 12.36 6.50
C SER A 136 13.75 11.63 6.32
N MET A 137 14.20 11.56 5.06
CA MET A 137 15.43 10.82 4.72
C MET A 137 16.40 11.73 3.99
N TYR A 138 17.64 11.73 4.44
CA TYR A 138 18.71 12.52 3.81
C TYR A 138 19.66 11.58 3.09
N PHE A 139 19.88 11.82 1.79
CA PHE A 139 20.85 11.08 1.00
C PHE A 139 21.98 12.03 0.65
N SER A 140 23.13 11.90 1.31
CA SER A 140 24.22 12.83 1.03
C SER A 140 24.85 12.55 -0.33
N SER A 141 24.84 11.31 -0.77
CA SER A 141 25.56 10.93 -1.98
C SER A 141 24.59 10.78 -3.16
N PRO A 142 25.11 10.72 -4.39
CA PRO A 142 24.25 10.40 -5.53
C PRO A 142 23.62 9.03 -5.33
N THR A 143 22.28 9.00 -5.32
CA THR A 143 21.55 7.83 -4.85
C THR A 143 20.45 7.52 -5.85
N ALA A 144 20.58 6.42 -6.58
CA ALA A 144 19.50 5.96 -7.44
C ALA A 144 18.47 5.24 -6.57
N MET A 145 17.20 5.57 -6.75
N MET A 145 17.20 5.60 -6.73
CA MET A 145 16.11 5.03 -5.91
CA MET A 145 16.13 5.02 -5.88
C MET A 145 15.03 4.41 -6.79
C MET A 145 15.04 4.40 -6.74
N PRO A 146 15.32 3.26 -7.41
CA PRO A 146 14.25 2.57 -8.17
C PRO A 146 13.21 1.93 -7.27
N THR A 147 13.50 1.75 -5.98
CA THR A 147 12.58 1.10 -5.04
C THR A 147 11.60 2.15 -4.53
N VAL A 148 10.37 2.11 -5.04
CA VAL A 148 9.40 3.15 -4.74
C VAL A 148 8.04 2.52 -4.46
N HIS A 149 7.19 3.28 -3.79
CA HIS A 149 5.75 3.10 -3.94
C HIS A 149 5.30 4.19 -4.90
N ALA A 150 4.95 3.80 -6.12
CA ALA A 150 4.83 4.78 -7.19
C ALA A 150 3.69 5.77 -6.95
N LEU A 151 2.49 5.27 -6.64
CA LEU A 151 1.31 6.14 -6.54
C LEU A 151 0.92 6.25 -5.07
N GLY A 152 1.49 7.23 -4.38
CA GLY A 152 1.25 7.33 -2.96
C GLY A 152 -0.03 8.04 -2.57
N VAL A 153 -0.64 8.79 -3.51
CA VAL A 153 -1.82 9.61 -3.26
C VAL A 153 -1.54 10.56 -2.09
N GLN A 154 -0.28 10.98 -1.99
CA GLN A 154 0.19 11.77 -0.85
C GLN A 154 1.40 12.56 -1.33
N THR A 155 1.47 13.83 -0.95
CA THR A 155 2.59 14.68 -1.35
C THR A 155 3.81 14.40 -0.50
N ALA A 156 4.96 14.25 -1.17
CA ALA A 156 6.26 14.20 -0.53
C ALA A 156 7.05 15.44 -0.94
N PHE A 157 7.97 15.86 -0.07
CA PHE A 157 8.63 17.16 -0.19
C PHE A 157 10.14 16.95 -0.24
N ILE A 158 10.78 17.51 -1.27
CA ILE A 158 12.19 17.26 -1.56
C ILE A 158 12.94 18.57 -1.49
N GLY A 159 14.07 18.59 -0.76
CA GLY A 159 14.86 19.80 -0.61
C GLY A 159 16.35 19.50 -0.60
N ALA A 160 17.14 20.55 -0.78
CA ALA A 160 18.59 20.39 -0.85
C ALA A 160 19.21 20.28 0.53
N GLY A 161 20.27 19.47 0.62
CA GLY A 161 21.00 19.33 1.88
C GLY A 161 20.22 18.49 2.89
N ASN A 162 20.71 18.50 4.13
CA ASN A 162 20.09 17.73 5.20
C ASN A 162 19.05 18.61 5.90
N GLN A 163 17.78 18.45 5.50
CA GLN A 163 16.68 19.15 6.12
C GLN A 163 15.80 18.22 6.94
N THR A 164 16.32 17.06 7.35
CA THR A 164 15.48 16.05 8.01
C THR A 164 14.91 16.56 9.33
N ALA A 165 15.60 17.48 10.00
CA ALA A 165 15.13 18.01 11.27
C ALA A 165 14.52 19.41 11.13
N ALA A 166 14.37 19.92 9.92
CA ALA A 166 13.87 21.27 9.70
C ALA A 166 12.37 21.34 9.96
N THR A 167 11.91 22.53 10.38
N THR A 167 11.91 22.52 10.39
CA THR A 167 10.48 22.70 10.66
CA THR A 167 10.49 22.73 10.66
C THR A 167 9.64 22.53 9.40
C THR A 167 9.66 22.50 9.40
N SER A 168 10.18 22.88 8.24
CA SER A 168 9.51 22.67 6.97
C SER A 168 10.57 22.46 5.91
N ILE A 169 10.17 21.96 4.76
CA ILE A 169 11.11 21.74 3.66
C ILE A 169 11.12 22.99 2.79
N SER A 170 12.32 23.58 2.75
CA SER A 170 12.51 24.78 1.91
C SER A 170 12.95 24.30 0.53
N ALA A 171 12.09 24.49 -0.46
CA ALA A 171 12.37 24.01 -1.83
C ALA A 171 11.35 24.57 -2.82
N ALA A 172 11.48 24.22 -4.09
CA ALA A 172 10.49 24.66 -5.08
C ALA A 172 9.32 23.66 -5.04
N ALA A 173 8.11 24.13 -5.32
CA ALA A 173 6.94 23.22 -5.37
C ALA A 173 7.12 22.19 -6.50
N ALA A 174 7.88 22.49 -7.54
CA ALA A 174 8.15 21.49 -8.56
C ALA A 174 8.99 20.34 -8.02
N ASP A 175 9.66 20.53 -6.88
CA ASP A 175 10.38 19.49 -6.16
C ASP A 175 9.48 18.76 -5.18
N GLN A 176 8.24 18.52 -5.57
CA GLN A 176 7.35 17.64 -4.84
C GLN A 176 7.12 16.38 -5.65
N SER A 177 6.67 15.34 -4.97
CA SER A 177 6.42 14.06 -5.57
C SER A 177 5.17 13.50 -4.94
N GLN A 178 4.60 12.46 -5.56
CA GLN A 178 3.52 11.73 -4.90
C GLN A 178 3.89 10.28 -4.68
N SER A 179 5.18 9.97 -4.71
CA SER A 179 5.67 8.62 -4.46
C SER A 179 6.28 8.51 -3.06
N TYR A 180 6.50 7.27 -2.64
CA TYR A 180 7.35 6.99 -1.48
C TYR A 180 8.65 6.37 -1.97
N TYR A 181 9.78 6.84 -1.44
CA TYR A 181 11.09 6.40 -1.89
C TYR A 181 11.73 5.54 -0.82
N GLY A 182 11.77 4.23 -1.05
CA GLY A 182 12.48 3.34 -0.14
C GLY A 182 11.91 3.30 1.26
N LEU A 183 10.64 3.65 1.43
CA LEU A 183 9.97 3.65 2.72
C LEU A 183 8.78 2.70 2.62
N THR A 184 8.79 1.62 3.39
CA THR A 184 7.83 0.55 3.15
C THR A 184 7.00 0.15 4.38
N ALA A 185 7.43 0.46 5.60
CA ALA A 185 6.54 0.16 6.73
C ALA A 185 6.88 1.06 7.91
N LEU A 186 5.82 1.16 8.72
CA LEU A 186 6.08 1.92 9.95
C LEU A 186 5.34 1.17 11.05
N GLU A 187 6.05 0.64 12.01
CA GLU A 187 5.51 -0.26 13.01
C GLU A 187 5.48 0.46 14.35
N VAL A 188 4.47 0.18 15.17
CA VAL A 188 4.25 0.88 16.43
C VAL A 188 3.97 -0.16 17.51
N SER A 189 4.52 0.07 18.71
CA SER A 189 4.41 -0.92 19.77
C SER A 189 3.21 -0.66 20.68
N SER A 190 2.69 -1.75 21.27
CA SER A 190 1.56 -1.65 22.18
C SER A 190 1.51 -2.91 23.02
N ILE A 191 0.97 -2.78 24.23
CA ILE A 191 0.67 -3.97 25.03
C ILE A 191 -0.72 -4.51 24.76
N GLN A 192 -1.56 -3.79 24.02
CA GLN A 192 -2.94 -4.19 23.86
C GLN A 192 -3.11 -5.29 22.81
N LYS A 193 -4.16 -6.09 22.98
CA LYS A 193 -4.58 -6.98 21.91
C LYS A 193 -4.87 -6.18 20.66
N THR A 194 -4.27 -6.58 19.55
CA THR A 194 -4.28 -5.78 18.33
C THR A 194 -4.49 -6.68 17.12
N ASN A 195 -5.40 -6.28 16.23
CA ASN A 195 -5.54 -6.92 14.93
C ASN A 195 -4.91 -6.04 13.87
N VAL A 196 -4.37 -6.67 12.84
CA VAL A 196 -3.80 -5.96 11.70
C VAL A 196 -4.42 -6.53 10.44
N VAL A 197 -5.19 -5.71 9.72
CA VAL A 197 -5.88 -6.10 8.49
C VAL A 197 -5.06 -5.59 7.33
N VAL A 198 -4.60 -6.51 6.50
CA VAL A 198 -3.84 -6.12 5.28
C VAL A 198 -4.77 -6.11 4.06
N THR A 199 -4.87 -4.95 3.39
CA THR A 199 -5.63 -4.89 2.15
C THR A 199 -4.64 -5.05 1.01
N PHE A 200 -4.79 -6.13 0.26
CA PHE A 200 -3.86 -6.52 -0.80
C PHE A 200 -4.55 -6.34 -2.13
N GLY A 201 -3.93 -5.63 -3.06
CA GLY A 201 -4.62 -5.42 -4.33
C GLY A 201 -3.88 -4.51 -5.28
N ASP A 202 -4.66 -3.91 -6.18
CA ASP A 202 -4.09 -3.09 -7.25
C ASP A 202 -4.46 -1.62 -7.03
N SER A 203 -4.72 -0.86 -8.10
CA SER A 203 -4.98 0.57 -7.93
C SER A 203 -6.24 0.84 -7.12
N ILE A 204 -7.20 -0.09 -7.15
CA ILE A 204 -8.45 0.15 -6.42
C ILE A 204 -8.25 -0.08 -4.93
N THR A 205 -7.18 -0.79 -4.54
CA THR A 205 -6.78 -0.81 -3.13
C THR A 205 -5.86 0.37 -2.81
N ASP A 206 -4.85 0.58 -3.67
CA ASP A 206 -3.90 1.69 -3.57
C ASP A 206 -4.61 3.03 -3.43
N GLY A 207 -5.77 3.19 -4.08
CA GLY A 207 -6.56 4.40 -3.95
C GLY A 207 -6.43 5.38 -5.10
N TYR A 208 -6.08 4.90 -6.29
CA TYR A 208 -5.99 5.78 -7.45
C TYR A 208 -7.34 6.47 -7.70
N LYS A 209 -7.28 7.78 -7.92
CA LYS A 209 -8.37 8.71 -8.11
C LYS A 209 -8.99 9.17 -6.78
N SER A 210 -8.58 8.62 -5.64
CA SER A 210 -9.00 9.25 -4.40
C SER A 210 -8.22 10.54 -4.19
N THR A 211 -8.76 11.42 -3.35
CA THR A 211 -8.21 12.78 -3.23
C THR A 211 -6.84 12.78 -2.56
N VAL A 212 -5.88 13.41 -3.23
CA VAL A 212 -4.49 13.44 -2.73
C VAL A 212 -4.45 14.16 -1.39
N ASP A 213 -3.68 13.59 -0.45
CA ASP A 213 -3.47 14.12 0.90
C ASP A 213 -4.72 14.13 1.76
N ALA A 214 -5.78 13.43 1.36
CA ALA A 214 -7.04 13.49 2.08
C ALA A 214 -7.36 12.19 2.82
N SER A 215 -6.54 11.14 2.68
CA SER A 215 -6.77 9.86 3.35
C SER A 215 -8.15 9.30 3.03
N LYS A 216 -8.45 9.23 1.73
CA LYS A 216 -9.74 8.73 1.24
C LYS A 216 -9.61 7.42 0.48
N ARG A 217 -8.46 6.75 0.56
CA ARG A 217 -8.36 5.41 0.00
C ARG A 217 -9.37 4.50 0.72
N TYR A 218 -9.86 3.46 0.03
CA TYR A 218 -10.85 2.61 0.68
C TYR A 218 -10.32 2.05 2.01
N PRO A 219 -9.06 1.63 2.14
CA PRO A 219 -8.62 1.16 3.46
C PRO A 219 -8.60 2.25 4.52
N ASN A 220 -8.34 3.51 4.13
CA ASN A 220 -8.48 4.63 5.06
C ASN A 220 -9.92 4.75 5.56
N GLN A 221 -10.89 4.63 4.65
CA GLN A 221 -12.28 4.80 5.02
C GLN A 221 -12.77 3.61 5.85
N LEU A 222 -12.25 2.42 5.58
CA LEU A 222 -12.51 1.28 6.46
C LEU A 222 -11.94 1.52 7.84
N ASP A 223 -10.72 2.03 7.91
CA ASP A 223 -10.11 2.39 9.19
C ASP A 223 -10.97 3.40 9.94
N ASP A 224 -11.48 4.41 9.24
CA ASP A 224 -12.36 5.39 9.87
C ASP A 224 -13.58 4.70 10.50
N ARG A 225 -14.19 3.76 9.78
CA ARG A 225 -15.33 3.03 10.35
C ARG A 225 -14.93 2.27 11.60
N LEU A 226 -13.77 1.62 11.59
CA LEU A 226 -13.34 0.83 12.74
C LEU A 226 -13.15 1.72 13.96
N LYS A 227 -12.44 2.84 13.80
CA LYS A 227 -12.22 3.71 14.94
C LYS A 227 -13.52 4.36 15.41
N THR A 228 -14.40 4.71 14.48
CA THR A 228 -15.69 5.27 14.89
C THR A 228 -16.50 4.27 15.71
N ALA A 229 -16.40 2.98 15.37
CA ALA A 229 -17.07 1.94 16.14
C ALA A 229 -16.38 1.63 17.45
N GLY A 230 -15.21 2.21 17.73
CA GLY A 230 -14.52 2.02 18.98
C GLY A 230 -13.31 1.11 18.92
N PHE A 231 -12.99 0.56 17.74
CA PHE A 231 -11.92 -0.43 17.60
C PHE A 231 -10.61 0.27 17.23
N SER A 232 -10.08 1.01 18.20
CA SER A 232 -8.80 1.67 17.99
C SER A 232 -7.66 0.68 17.81
N ARG A 233 -7.82 -0.56 18.26
CA ARG A 233 -6.75 -1.57 18.15
C ARG A 233 -6.98 -2.55 17.00
N ILE A 234 -7.83 -2.21 16.04
CA ILE A 234 -7.87 -2.93 14.77
C ILE A 234 -7.27 -2.00 13.72
N GLY A 235 -6.11 -2.37 13.20
CA GLY A 235 -5.39 -1.54 12.25
C GLY A 235 -5.64 -2.01 10.82
N VAL A 236 -5.50 -1.09 9.87
CA VAL A 236 -5.67 -1.40 8.45
C VAL A 236 -4.45 -0.87 7.72
N VAL A 237 -3.69 -1.75 7.05
CA VAL A 237 -2.53 -1.30 6.30
C VAL A 237 -2.72 -1.65 4.84
N ASN A 238 -2.11 -0.84 3.97
CA ASN A 238 -2.41 -0.84 2.53
C ASN A 238 -1.26 -1.51 1.79
N GLN A 239 -1.55 -2.65 1.15
CA GLN A 239 -0.56 -3.30 0.29
C GLN A 239 -1.07 -3.37 -1.15
N GLY A 240 -1.74 -2.30 -1.57
CA GLY A 240 -2.08 -2.14 -2.97
C GLY A 240 -0.92 -1.62 -3.80
N ILE A 241 -0.86 -2.05 -5.05
CA ILE A 241 0.06 -1.47 -6.04
C ILE A 241 -0.75 -1.15 -7.28
N SER A 242 -0.83 0.14 -7.64
N SER A 242 -0.81 0.14 -7.65
CA SER A 242 -1.55 0.51 -8.85
CA SER A 242 -1.50 0.53 -8.86
C SER A 242 -0.95 -0.19 -10.06
C SER A 242 -0.93 -0.21 -10.07
N GLY A 243 -1.81 -0.84 -10.84
CA GLY A 243 -1.38 -1.59 -12.02
C GLY A 243 -1.01 -3.04 -11.77
N ASN A 244 -1.16 -3.54 -10.55
CA ASN A 244 -0.62 -4.84 -10.18
C ASN A 244 -1.44 -5.98 -10.77
N ARG A 245 -0.75 -7.08 -11.09
CA ARG A 245 -1.35 -8.30 -11.62
C ARG A 245 -0.95 -9.51 -10.80
N TRP A 246 -1.84 -10.49 -10.70
CA TRP A 246 -1.51 -11.76 -10.05
C TRP A 246 -0.32 -12.44 -10.73
N LEU A 247 -0.36 -12.54 -12.06
CA LEU A 247 0.40 -13.57 -12.76
C LEU A 247 1.66 -13.07 -13.45
N ASN A 248 1.83 -11.77 -13.61
CA ASN A 248 2.93 -11.24 -14.38
C ASN A 248 3.47 -9.99 -13.71
N ASP A 249 4.77 -9.78 -13.81
CA ASP A 249 5.34 -8.53 -13.32
C ASP A 249 4.85 -7.36 -14.15
N PHE A 250 4.82 -6.18 -13.51
CA PHE A 250 4.38 -4.88 -14.02
C PHE A 250 2.87 -4.78 -14.03
N SER A 251 2.30 -3.80 -13.31
N SER A 251 2.31 -3.79 -13.32
CA SER A 251 3.04 -2.83 -12.50
CA SER A 251 3.09 -2.83 -12.53
C SER A 251 3.38 -3.42 -11.14
C SER A 251 3.38 -3.40 -11.15
N GLY A 252 4.65 -3.35 -10.75
CA GLY A 252 5.09 -3.96 -9.51
C GLY A 252 5.32 -5.45 -9.72
N PRO A 253 5.98 -6.10 -8.77
CA PRO A 253 6.15 -7.56 -8.88
C PRO A 253 4.80 -8.25 -8.84
N SER A 254 4.70 -9.36 -9.56
CA SER A 254 3.44 -10.09 -9.62
C SER A 254 2.87 -10.35 -8.23
N GLY A 255 1.54 -10.35 -8.14
CA GLY A 255 0.87 -10.68 -6.89
C GLY A 255 1.35 -12.00 -6.30
N THR A 256 1.50 -13.02 -7.15
N THR A 256 1.50 -13.02 -7.15
CA THR A 256 1.97 -14.31 -6.62
CA THR A 256 1.96 -14.32 -6.65
C THR A 256 3.35 -14.18 -6.00
C THR A 256 3.34 -14.19 -6.02
N SER A 257 4.24 -13.43 -6.65
CA SER A 257 5.62 -13.36 -6.17
C SER A 257 5.77 -12.48 -4.93
N ARG A 258 4.87 -11.53 -4.72
CA ARG A 258 5.01 -10.58 -3.61
C ARG A 258 4.14 -10.93 -2.41
N PHE A 259 3.33 -11.99 -2.50
CA PHE A 259 2.36 -12.28 -1.46
C PHE A 259 3.04 -12.59 -0.12
N ASP A 260 4.15 -13.33 -0.15
CA ASP A 260 4.85 -13.64 1.09
C ASP A 260 5.33 -12.37 1.76
N ARG A 261 5.97 -11.48 0.99
CA ARG A 261 6.53 -10.25 1.57
C ARG A 261 5.43 -9.29 1.99
N ASP A 262 4.47 -9.04 1.11
CA ASP A 262 3.52 -7.95 1.34
C ASP A 262 2.28 -8.36 2.10
N VAL A 263 2.08 -9.66 2.35
CA VAL A 263 0.95 -10.08 3.18
C VAL A 263 1.45 -10.94 4.33
N LEU A 264 2.01 -12.11 4.02
CA LEU A 264 2.31 -13.07 5.09
C LEU A 264 3.31 -12.51 6.09
N ASN A 265 4.23 -11.67 5.65
CA ASN A 265 5.31 -11.20 6.51
C ASN A 265 5.02 -9.84 7.12
N VAL A 266 3.81 -9.32 6.99
CA VAL A 266 3.49 -8.05 7.64
C VAL A 266 3.42 -8.25 9.15
N THR A 267 4.09 -7.39 9.90
CA THR A 267 4.19 -7.58 11.34
C THR A 267 2.82 -7.49 12.03
N GLY A 268 2.42 -8.59 12.66
CA GLY A 268 1.17 -8.63 13.39
C GLY A 268 -0.05 -8.95 12.58
N ILE A 269 0.10 -9.33 11.30
CA ILE A 269 -1.09 -9.56 10.46
C ILE A 269 -1.98 -10.61 11.09
N THR A 270 -3.29 -10.30 11.14
CA THR A 270 -4.30 -11.25 11.56
C THR A 270 -5.36 -11.50 10.49
N HIS A 271 -5.55 -10.58 9.56
CA HIS A 271 -6.62 -10.66 8.56
C HIS A 271 -6.08 -10.12 7.25
N ALA A 272 -6.58 -10.64 6.13
CA ALA A 272 -6.23 -10.11 4.83
C ALA A 272 -7.49 -9.95 3.99
N ILE A 273 -7.56 -8.86 3.23
CA ILE A 273 -8.62 -8.64 2.26
C ILE A 273 -7.94 -8.58 0.90
N ILE A 274 -8.20 -9.59 0.07
CA ILE A 274 -7.54 -9.75 -1.22
C ILE A 274 -8.49 -9.28 -2.31
N LEU A 275 -8.03 -8.33 -3.14
CA LEU A 275 -8.83 -7.80 -4.24
C LEU A 275 -7.87 -7.59 -5.41
N LEU A 276 -7.80 -8.56 -6.31
CA LEU A 276 -6.78 -8.48 -7.34
C LEU A 276 -7.20 -9.31 -8.54
N GLY A 277 -6.81 -8.87 -9.73
CA GLY A 277 -7.09 -9.63 -10.92
C GLY A 277 -7.57 -8.83 -12.13
N VAL A 278 -8.16 -7.64 -11.91
CA VAL A 278 -8.72 -6.93 -13.06
C VAL A 278 -7.63 -6.61 -14.08
N ASN A 279 -6.41 -6.32 -13.61
CA ASN A 279 -5.34 -6.01 -14.57
C ASN A 279 -4.84 -7.25 -15.30
N ASP A 280 -4.90 -8.42 -14.66
CA ASP A 280 -4.58 -9.64 -15.39
C ASP A 280 -5.48 -9.75 -16.62
N LEU A 281 -6.75 -9.39 -16.44
CA LEU A 281 -7.73 -9.43 -17.52
C LEU A 281 -7.54 -8.28 -18.50
N GLY A 282 -7.30 -7.07 -17.99
CA GLY A 282 -7.32 -5.90 -18.85
C GLY A 282 -6.03 -5.62 -19.60
N PHE A 283 -4.89 -6.16 -19.16
CA PHE A 283 -3.63 -5.82 -19.80
C PHE A 283 -3.42 -6.51 -21.14
N SER A 284 -4.13 -7.60 -21.43
CA SER A 284 -3.73 -8.39 -22.59
C SER A 284 -4.26 -7.85 -23.92
N ALA A 285 -5.30 -7.02 -23.91
CA ALA A 285 -5.82 -6.52 -25.19
C ALA A 285 -4.79 -5.65 -25.91
N TRP A 286 -3.98 -4.90 -25.18
CA TRP A 286 -3.15 -3.91 -25.85
C TRP A 286 -1.84 -3.66 -25.13
N LEU A 287 -1.88 -3.51 -23.81
CA LEU A 287 -0.66 -3.23 -23.06
C LEU A 287 0.35 -4.38 -23.14
N ALA A 288 -0.13 -5.63 -23.06
CA ALA A 288 0.76 -6.79 -22.98
C ALA A 288 0.11 -7.99 -23.65
N PRO A 289 0.01 -7.96 -24.98
CA PRO A 289 -0.70 -9.05 -25.68
C PRO A 289 -0.01 -10.40 -25.58
N THR A 290 1.28 -10.44 -25.24
CA THR A 290 1.94 -11.72 -25.03
C THR A 290 1.65 -12.29 -23.64
N GLN A 291 0.81 -11.62 -22.85
CA GLN A 291 0.54 -12.03 -21.47
C GLN A 291 -0.95 -12.26 -21.24
N THR A 292 -1.60 -12.90 -22.22
CA THR A 292 -2.99 -13.32 -22.05
C THR A 292 -3.05 -14.45 -21.02
N VAL A 293 -3.96 -14.34 -20.06
CA VAL A 293 -4.12 -15.37 -19.04
C VAL A 293 -5.59 -15.74 -18.94
N THR A 294 -5.84 -16.96 -18.48
CA THR A 294 -7.22 -17.43 -18.35
C THR A 294 -7.72 -17.17 -16.93
N ALA A 295 -9.05 -17.18 -16.78
CA ALA A 295 -9.62 -17.09 -15.44
C ALA A 295 -9.12 -18.22 -14.57
N GLU A 296 -8.96 -19.41 -15.15
CA GLU A 296 -8.50 -20.56 -14.39
C GLU A 296 -7.07 -20.37 -13.88
N GLN A 297 -6.23 -19.71 -14.68
CA GLN A 297 -4.87 -19.42 -14.21
C GLN A 297 -4.89 -18.41 -13.07
N VAL A 298 -5.76 -17.41 -13.14
CA VAL A 298 -5.90 -16.46 -12.02
C VAL A 298 -6.38 -17.19 -10.77
N ILE A 299 -7.38 -18.07 -10.93
CA ILE A 299 -7.93 -18.79 -9.79
C ILE A 299 -6.87 -19.70 -9.16
N ALA A 300 -5.98 -20.26 -9.98
CA ALA A 300 -4.92 -21.10 -9.44
C ALA A 300 -3.96 -20.27 -8.59
N ALA A 301 -3.62 -19.07 -9.05
CA ALA A 301 -2.77 -18.18 -8.26
C ALA A 301 -3.45 -17.78 -6.96
N MET A 302 -4.73 -17.39 -7.05
CA MET A 302 -5.47 -17.04 -5.84
C MET A 302 -5.50 -18.19 -4.86
N THR A 303 -5.71 -19.41 -5.37
CA THR A 303 -5.80 -20.60 -4.52
C THR A 303 -4.53 -20.78 -3.70
N THR A 304 -3.37 -20.67 -4.34
CA THR A 304 -2.11 -20.89 -3.62
C THR A 304 -1.88 -19.82 -2.57
N ALA A 305 -2.26 -18.57 -2.85
CA ALA A 305 -2.14 -17.51 -1.85
C ALA A 305 -3.09 -17.75 -0.68
N ILE A 306 -4.33 -18.15 -0.96
CA ILE A 306 -5.29 -18.46 0.11
C ILE A 306 -4.74 -19.59 0.99
N VAL A 307 -4.24 -20.66 0.35
CA VAL A 307 -3.72 -21.79 1.12
C VAL A 307 -2.59 -21.34 2.04
N LYS A 308 -1.67 -20.53 1.51
CA LYS A 308 -0.53 -20.08 2.31
C LYS A 308 -0.99 -19.25 3.50
N ALA A 309 -1.95 -18.34 3.29
CA ALA A 309 -2.36 -17.46 4.38
C ALA A 309 -3.14 -18.23 5.44
N LYS A 310 -4.00 -19.16 5.01
CA LYS A 310 -4.74 -19.96 5.98
C LYS A 310 -3.80 -20.83 6.80
N ALA A 311 -2.75 -21.35 6.18
CA ALA A 311 -1.77 -22.16 6.91
C ALA A 311 -1.08 -21.38 8.01
N LYS A 312 -1.00 -20.06 7.87
CA LYS A 312 -0.43 -19.20 8.91
C LYS A 312 -1.47 -18.73 9.91
N GLY A 313 -2.73 -19.15 9.79
CA GLY A 313 -3.77 -18.74 10.70
C GLY A 313 -4.35 -17.37 10.44
N ILE A 314 -4.07 -16.80 9.28
CA ILE A 314 -4.62 -15.51 8.89
C ILE A 314 -6.05 -15.70 8.39
N LYS A 315 -6.95 -14.81 8.79
CA LYS A 315 -8.33 -14.84 8.25
C LYS A 315 -8.27 -14.25 6.84
N VAL A 316 -8.80 -14.98 5.86
CA VAL A 316 -8.64 -14.58 4.47
C VAL A 316 -10.00 -14.25 3.88
N PHE A 317 -10.16 -13.00 3.47
CA PHE A 317 -11.34 -12.54 2.76
C PHE A 317 -10.94 -12.15 1.36
N VAL A 318 -11.80 -12.46 0.38
CA VAL A 318 -11.51 -12.16 -1.01
C VAL A 318 -12.64 -11.31 -1.56
N GLY A 319 -12.29 -10.21 -2.23
CA GLY A 319 -13.28 -9.34 -2.83
C GLY A 319 -13.56 -9.74 -4.28
N THR A 320 -14.83 -9.57 -4.67
CA THR A 320 -15.20 -9.77 -6.06
C THR A 320 -14.69 -8.60 -6.93
N ILE A 321 -14.41 -8.91 -8.19
CA ILE A 321 -13.89 -7.92 -9.13
C ILE A 321 -15.03 -7.00 -9.55
N ILE A 322 -14.87 -5.72 -9.30
CA ILE A 322 -15.89 -4.69 -9.54
C ILE A 322 -16.14 -4.57 -11.05
N PRO A 323 -17.37 -4.31 -11.48
CA PRO A 323 -17.63 -4.15 -12.93
C PRO A 323 -16.79 -3.03 -13.50
N PHE A 324 -16.39 -3.19 -14.78
CA PHE A 324 -15.58 -2.14 -15.40
C PHE A 324 -15.88 -1.99 -16.89
N LYS A 325 -17.08 -2.35 -17.32
CA LYS A 325 -17.44 -2.10 -18.71
C LYS A 325 -17.41 -0.60 -19.00
N GLY A 326 -16.84 -0.23 -20.13
CA GLY A 326 -16.58 1.15 -20.46
C GLY A 326 -15.14 1.58 -20.25
N ALA A 327 -14.32 0.76 -19.60
CA ALA A 327 -12.93 1.15 -19.33
C ALA A 327 -12.08 0.86 -20.55
N SER A 328 -11.81 1.90 -21.35
CA SER A 328 -11.02 1.80 -22.58
C SER A 328 -11.47 0.62 -23.44
N MET A 329 -12.73 0.66 -23.86
CA MET A 329 -13.35 -0.45 -24.58
C MET A 329 -12.51 -0.91 -25.75
N GLY A 330 -12.28 -2.23 -25.81
CA GLY A 330 -11.47 -2.82 -26.85
C GLY A 330 -9.99 -2.82 -26.57
N TYR A 331 -9.53 -2.05 -25.57
CA TYR A 331 -8.12 -1.90 -25.27
C TYR A 331 -7.77 -2.21 -23.83
N TYR A 332 -8.77 -2.54 -23.01
CA TYR A 332 -8.59 -2.96 -21.62
C TYR A 332 -9.77 -3.86 -21.30
N TYR A 333 -10.96 -3.27 -21.15
CA TYR A 333 -12.17 -4.06 -21.10
C TYR A 333 -12.44 -4.69 -22.47
N THR A 334 -12.79 -5.97 -22.48
CA THR A 334 -13.18 -6.70 -23.67
C THR A 334 -14.22 -7.73 -23.25
N ASP A 335 -14.88 -8.34 -24.24
CA ASP A 335 -15.80 -9.42 -23.89
C ASP A 335 -15.06 -10.58 -23.23
N ALA A 336 -13.81 -10.85 -23.66
CA ALA A 336 -13.02 -11.91 -23.03
C ALA A 336 -12.74 -11.57 -21.56
N ALA A 337 -12.42 -10.31 -21.28
CA ALA A 337 -12.15 -9.91 -19.90
C ALA A 337 -13.39 -10.04 -19.05
N GLU A 338 -14.55 -9.68 -19.60
CA GLU A 338 -15.81 -9.81 -18.85
C GLU A 338 -16.11 -11.28 -18.54
N ALA A 339 -15.92 -12.16 -19.52
CA ALA A 339 -16.18 -13.57 -19.28
C ALA A 339 -15.28 -14.11 -18.16
N LYS A 340 -14.00 -13.72 -18.18
CA LYS A 340 -13.08 -14.15 -17.13
C LYS A 340 -13.47 -13.57 -15.79
N ARG A 341 -13.89 -12.29 -15.78
CA ARG A 341 -14.37 -11.68 -14.55
C ARG A 341 -15.51 -12.48 -13.93
N GLN A 342 -16.48 -12.87 -14.77
N GLN A 342 -16.46 -12.92 -14.75
CA GLN A 342 -17.61 -13.67 -14.30
CA GLN A 342 -17.60 -13.65 -14.20
C GLN A 342 -17.13 -14.98 -13.67
C GLN A 342 -17.20 -15.04 -13.71
N THR A 343 -16.24 -15.69 -14.38
CA THR A 343 -15.73 -16.96 -13.87
C THR A 343 -15.04 -16.79 -12.53
N ILE A 344 -14.21 -15.76 -12.41
CA ILE A 344 -13.50 -15.49 -11.16
C ILE A 344 -14.47 -15.15 -10.04
N ASN A 345 -15.45 -14.29 -10.33
CA ASN A 345 -16.39 -13.90 -9.27
C ASN A 345 -17.26 -15.07 -8.83
N THR A 346 -17.64 -15.92 -9.77
CA THR A 346 -18.38 -17.12 -9.40
C THR A 346 -17.55 -18.02 -8.50
N PHE A 347 -16.26 -18.17 -8.83
CA PHE A 347 -15.37 -18.97 -7.98
C PHE A 347 -15.29 -18.39 -6.58
N ILE A 348 -15.10 -17.07 -6.48
CA ILE A 348 -14.99 -16.42 -5.18
C ILE A 348 -16.26 -16.61 -4.37
N ARG A 349 -17.42 -16.39 -4.99
CA ARG A 349 -18.69 -16.42 -4.26
C ARG A 349 -19.05 -17.82 -3.80
N ASN A 350 -18.49 -18.85 -4.44
CA ASN A 350 -18.78 -20.23 -4.08
C ASN A 350 -17.65 -20.93 -3.36
N SER A 351 -16.54 -20.25 -3.09
CA SER A 351 -15.39 -20.90 -2.46
C SER A 351 -15.69 -21.27 -1.02
N LYS A 352 -15.30 -22.50 -0.66
CA LYS A 352 -15.43 -22.98 0.75
C LYS A 352 -14.08 -22.80 1.46
N GLU A 353 -13.04 -22.44 0.72
CA GLU A 353 -11.72 -22.30 1.33
C GLU A 353 -11.53 -20.94 1.99
N ILE A 354 -12.13 -19.89 1.45
CA ILE A 354 -11.90 -18.58 2.03
C ILE A 354 -12.78 -18.39 3.27
N ASP A 355 -12.35 -17.49 4.14
CA ASP A 355 -13.13 -17.23 5.33
C ASP A 355 -14.36 -16.41 5.05
N GLY A 356 -14.39 -15.67 3.95
CA GLY A 356 -15.59 -14.93 3.59
C GLY A 356 -15.36 -14.14 2.34
N VAL A 357 -16.47 -13.81 1.67
N VAL A 357 -16.46 -13.84 1.66
CA VAL A 357 -16.43 -13.00 0.45
CA VAL A 357 -16.49 -12.99 0.48
C VAL A 357 -16.91 -11.59 0.80
C VAL A 357 -16.83 -11.57 0.91
N ILE A 358 -16.18 -10.60 0.30
CA ILE A 358 -16.60 -9.21 0.38
C ILE A 358 -17.04 -8.83 -1.02
N ASP A 359 -18.34 -8.69 -1.22
CA ASP A 359 -18.85 -8.57 -2.59
C ASP A 359 -18.83 -7.10 -3.01
N PHE A 360 -17.60 -6.60 -3.25
CA PHE A 360 -17.43 -5.24 -3.75
C PHE A 360 -18.18 -5.02 -5.06
N ALA A 361 -18.23 -6.04 -5.92
CA ALA A 361 -18.92 -5.89 -7.20
C ALA A 361 -20.38 -5.58 -6.96
N ASP A 362 -21.03 -6.33 -6.07
CA ASP A 362 -22.44 -6.10 -5.78
C ASP A 362 -22.64 -4.73 -5.14
N ALA A 363 -21.70 -4.28 -4.30
CA ALA A 363 -21.84 -3.00 -3.63
C ALA A 363 -21.72 -1.82 -4.58
N LEU A 364 -20.86 -1.92 -5.57
CA LEU A 364 -20.55 -0.77 -6.41
C LEU A 364 -21.16 -0.83 -7.80
N LYS A 365 -21.87 -1.90 -8.15
N LYS A 365 -21.86 -1.91 -8.15
CA LYS A 365 -22.39 -2.02 -9.50
CA LYS A 365 -22.38 -2.02 -9.51
C LYS A 365 -23.52 -1.00 -9.74
C LYS A 365 -23.52 -1.03 -9.74
N ASN A 366 -23.70 -0.68 -11.00
CA ASN A 366 -24.75 0.25 -11.42
C ASN A 366 -26.10 -0.45 -11.34
N PRO A 367 -27.07 0.06 -10.56
CA PRO A 367 -28.39 -0.58 -10.54
C PRO A 367 -29.02 -0.69 -11.90
N ALA A 368 -28.69 0.21 -12.83
CA ALA A 368 -29.28 0.21 -14.15
C ALA A 368 -28.58 -0.74 -15.12
N ASP A 369 -27.38 -1.21 -14.79
CA ASP A 369 -26.59 -2.09 -15.66
C ASP A 369 -25.47 -2.70 -14.83
N PRO A 370 -25.61 -3.95 -14.39
CA PRO A 370 -24.64 -4.53 -13.45
C PRO A 370 -23.25 -4.72 -14.02
N LEU A 371 -23.05 -4.58 -15.33
CA LEU A 371 -21.71 -4.69 -15.89
C LEU A 371 -20.93 -3.40 -15.80
N THR A 372 -21.53 -2.30 -15.33
CA THR A 372 -20.82 -1.05 -15.18
C THR A 372 -20.80 -0.64 -13.71
N ILE A 373 -19.79 0.16 -13.36
CA ILE A 373 -19.73 0.75 -12.04
C ILE A 373 -20.85 1.80 -11.90
N ASN A 374 -21.39 1.91 -10.70
CA ASN A 374 -22.43 2.90 -10.42
C ASN A 374 -21.93 4.29 -10.81
N PRO A 375 -22.68 5.03 -11.64
CA PRO A 375 -22.20 6.36 -12.04
C PRO A 375 -21.87 7.28 -10.86
N ILE A 376 -22.56 7.15 -9.73
CA ILE A 376 -22.27 8.03 -8.60
C ILE A 376 -20.92 7.71 -7.97
N TYR A 377 -20.38 6.52 -8.26
CA TYR A 377 -19.11 6.08 -7.71
C TYR A 377 -17.98 6.07 -8.74
N ASP A 378 -18.25 6.50 -9.96
CA ASP A 378 -17.31 6.42 -11.07
C ASP A 378 -16.41 7.65 -11.08
N SER A 379 -15.09 7.45 -10.95
CA SER A 379 -14.16 8.58 -11.04
C SER A 379 -14.20 9.25 -12.40
N GLY A 380 -14.68 8.54 -13.42
CA GLY A 380 -14.75 9.07 -14.77
C GLY A 380 -14.16 8.15 -15.82
N ASP A 381 -13.38 7.15 -15.41
CA ASP A 381 -12.74 6.26 -16.38
C ASP A 381 -13.40 4.88 -16.42
N ALA A 382 -14.52 4.70 -15.72
CA ALA A 382 -15.33 3.48 -15.70
C ALA A 382 -14.64 2.34 -14.98
N LEU A 383 -13.47 2.59 -14.39
CA LEU A 383 -12.72 1.56 -13.67
C LEU A 383 -12.49 1.94 -12.21
N HIS A 384 -11.97 3.13 -11.97
CA HIS A 384 -11.60 3.50 -10.61
C HIS A 384 -12.74 4.21 -9.90
N PRO A 385 -13.06 3.80 -8.68
CA PRO A 385 -14.00 4.58 -7.86
C PRO A 385 -13.48 5.99 -7.61
N ASN A 386 -14.42 6.89 -7.32
CA ASN A 386 -14.10 8.19 -6.74
C ASN A 386 -14.11 8.06 -5.22
N ASP A 387 -13.95 9.18 -4.50
CA ASP A 387 -13.96 9.14 -3.03
C ASP A 387 -15.22 8.48 -2.51
N ALA A 388 -16.38 8.79 -3.11
CA ALA A 388 -17.63 8.21 -2.65
C ALA A 388 -17.67 6.72 -2.90
N GLY A 389 -17.07 6.27 -4.00
CA GLY A 389 -17.01 4.84 -4.28
C GLY A 389 -16.09 4.12 -3.32
N TYR A 390 -14.99 4.75 -2.93
CA TYR A 390 -14.13 4.13 -1.94
C TYR A 390 -14.79 4.11 -0.57
N GLU A 391 -15.59 5.13 -0.26
CA GLU A 391 -16.39 5.09 0.95
C GLU A 391 -17.38 3.94 0.91
N ALA A 392 -17.99 3.70 -0.26
CA ALA A 392 -18.98 2.63 -0.38
C ALA A 392 -18.32 1.27 -0.26
N MET A 393 -17.11 1.12 -0.80
CA MET A 393 -16.36 -0.12 -0.59
C MET A 393 -16.15 -0.39 0.90
N ALA A 394 -15.70 0.63 1.64
CA ALA A 394 -15.47 0.46 3.06
C ALA A 394 -16.77 0.14 3.80
N ALA A 395 -17.87 0.78 3.39
CA ALA A 395 -19.15 0.57 4.06
C ALA A 395 -19.70 -0.83 3.84
N ALA A 396 -19.26 -1.52 2.77
CA ALA A 396 -19.76 -2.84 2.45
C ALA A 396 -19.19 -3.93 3.35
N ILE A 397 -18.16 -3.63 4.13
CA ILE A 397 -17.43 -4.63 4.89
C ILE A 397 -18.05 -4.79 6.26
N ASP A 398 -18.43 -6.02 6.61
CA ASP A 398 -18.95 -6.31 7.94
C ASP A 398 -17.80 -6.24 8.94
N LEU A 399 -17.86 -5.29 9.88
CA LEU A 399 -16.75 -5.14 10.82
C LEU A 399 -16.58 -6.37 11.71
N SER A 400 -17.61 -7.21 11.83
N SER A 400 -17.61 -7.21 11.84
CA SER A 400 -17.46 -8.45 12.58
CA SER A 400 -17.43 -8.45 12.60
C SER A 400 -16.40 -9.36 11.96
C SER A 400 -16.42 -9.38 11.95
N LYS A 401 -16.18 -9.24 10.64
CA LYS A 401 -15.16 -10.06 9.98
C LYS A 401 -13.77 -9.76 10.51
N LEU A 402 -13.53 -8.54 10.97
CA LEU A 402 -12.18 -8.09 11.28
C LEU A 402 -11.86 -8.23 12.76
N GLN A 403 -12.68 -8.95 13.52
CA GLN A 403 -12.48 -9.09 14.96
C GLN A 403 -11.53 -10.24 15.32
C1 GOL B . -1.30 3.93 -0.78
O1 GOL B . -1.77 4.92 -1.71
C2 GOL B . 0.11 4.42 -0.35
O2 GOL B . 0.00 5.61 0.33
C3 GOL B . 0.79 3.25 0.47
O3 GOL B . 0.28 3.26 1.76
C1 GOL C . -11.39 -4.36 -8.15
O1 GOL C . -12.21 -4.90 -9.10
C2 GOL C . -9.96 -4.60 -8.62
O2 GOL C . -9.04 -3.99 -7.75
C3 GOL C . -9.83 -6.15 -8.65
O3 GOL C . -8.68 -6.42 -9.33
#